data_1ABT
#
_entry.id   1ABT
#
_cell.length_a   1.000
_cell.length_b   1.000
_cell.length_c   1.000
_cell.angle_alpha   90.00
_cell.angle_beta   90.00
_cell.angle_gamma   90.00
#
_symmetry.space_group_name_H-M   'P 1'
#
loop_
_entity.id
_entity.type
_entity.pdbx_description
1 polymer ALPHA-BUNGAROTOXIN
2 polymer 'NICOTINIC RECEPTOR PEPTIDE'
#
loop_
_entity_poly.entity_id
_entity_poly.type
_entity_poly.pdbx_seq_one_letter_code
_entity_poly.pdbx_strand_id
1 'polypeptide(L)' IVCHTTATSPISAVTCPPGENLCYRKMWCDAFCSSRGKVVELGCAATCPSKKPYEEVTCCSTDKCNPHPKQRPG A
2 'polypeptide(L)' KHWVYYTCCPDT B
#
# COMPACT_ATOMS: atom_id res chain seq x y z
N ILE A 1 9.33 9.07 0.74
CA ILE A 1 8.37 8.19 0.01
C ILE A 1 7.02 8.87 -0.21
N VAL A 2 7.00 9.61 -1.32
CA VAL A 2 5.84 10.43 -1.76
C VAL A 2 4.98 9.68 -2.76
N CYS A 3 4.15 8.79 -2.20
CA CYS A 3 3.21 8.01 -2.98
C CYS A 3 1.81 8.10 -2.32
N HIS A 4 1.11 6.98 -2.26
CA HIS A 4 -0.23 6.85 -1.68
C HIS A 4 -0.19 6.63 -0.16
N THR A 5 0.46 7.58 0.49
CA THR A 5 0.78 7.51 1.92
C THR A 5 -0.46 7.65 2.79
N THR A 6 -0.59 6.55 3.50
CA THR A 6 -1.58 6.45 4.60
C THR A 6 -0.98 6.64 5.99
N ALA A 7 0.28 7.09 6.06
CA ALA A 7 0.94 7.44 7.33
C ALA A 7 0.52 8.86 7.73
N THR A 8 -0.63 8.85 8.42
CA THR A 8 -1.39 10.04 8.88
C THR A 8 -1.88 10.89 7.69
N SER A 9 -2.37 10.17 6.68
CA SER A 9 -2.81 10.77 5.40
C SER A 9 -3.84 9.88 4.68
N PRO A 10 -4.98 10.43 4.24
CA PRO A 10 -5.94 9.68 3.41
C PRO A 10 -5.45 9.52 1.96
N ILE A 11 -4.59 8.50 1.79
CA ILE A 11 -4.01 8.05 0.51
C ILE A 11 -3.39 9.25 -0.26
N SER A 12 -2.58 10.01 0.49
CA SER A 12 -2.10 11.34 0.07
C SER A 12 -0.58 11.30 -0.14
N ALA A 13 -0.13 12.05 -1.14
CA ALA A 13 1.29 12.21 -1.46
C ALA A 13 2.09 13.00 -0.40
N VAL A 14 2.44 12.23 0.63
CA VAL A 14 3.23 12.65 1.81
C VAL A 14 4.46 11.73 1.92
N THR A 15 5.62 12.37 2.03
CA THR A 15 6.89 11.69 2.38
C THR A 15 6.85 11.25 3.84
N CYS A 16 6.45 9.99 4.01
CA CYS A 16 6.19 9.35 5.32
C CYS A 16 7.41 9.25 6.25
N PRO A 17 7.34 9.93 7.41
CA PRO A 17 8.29 9.68 8.51
C PRO A 17 8.28 8.23 9.03
N PRO A 18 7.13 7.52 9.09
CA PRO A 18 7.16 6.06 9.31
C PRO A 18 7.40 5.31 7.99
N GLY A 19 8.60 4.73 7.89
CA GLY A 19 8.89 3.68 6.90
C GLY A 19 10.19 3.92 6.13
N GLU A 20 10.39 3.04 5.16
CA GLU A 20 11.63 2.99 4.35
C GLU A 20 11.39 3.22 2.84
N ASN A 21 12.40 2.85 2.06
CA ASN A 21 12.65 3.15 0.61
C ASN A 21 11.69 2.60 -0.47
N LEU A 22 10.53 2.11 -0.05
CA LEU A 22 9.45 1.63 -0.93
C LEU A 22 8.10 2.25 -0.58
N CYS A 23 7.38 2.37 -1.69
CA CYS A 23 5.94 2.64 -1.76
C CYS A 23 5.20 1.30 -1.92
N TYR A 24 4.42 1.04 -0.87
CA TYR A 24 3.39 -0.01 -0.70
C TYR A 24 2.67 -0.82 -1.79
N ARG A 25 1.60 -0.27 -2.36
CA ARG A 25 0.28 -0.96 -2.55
C ARG A 25 0.24 -2.42 -2.09
N LYS A 26 0.03 -2.57 -0.78
CA LYS A 26 -0.11 -3.91 -0.15
C LYS A 26 -1.60 -4.28 -0.09
N MET A 27 -2.02 -4.93 -1.16
CA MET A 27 -3.42 -5.32 -1.40
C MET A 27 -3.59 -6.85 -1.42
N TRP A 28 -4.69 -7.24 -0.80
CA TRP A 28 -5.25 -8.60 -0.79
C TRP A 28 -6.79 -8.48 -0.77
N CYS A 29 -7.49 -9.50 -0.28
CA CYS A 29 -8.96 -9.57 -0.23
C CYS A 29 -9.69 -8.21 -0.19
N ASP A 30 -10.52 -7.77 -1.15
CA ASP A 30 -11.24 -8.44 -2.26
C ASP A 30 -12.40 -9.25 -1.67
N ALA A 31 -13.50 -8.53 -1.54
CA ALA A 31 -14.66 -8.86 -0.69
C ALA A 31 -14.32 -9.00 0.82
N PHE A 32 -13.17 -8.43 1.22
CA PHE A 32 -12.34 -8.86 2.39
C PHE A 32 -12.58 -10.33 2.76
N CYS A 33 -12.63 -11.05 1.65
CA CYS A 33 -13.09 -12.42 1.46
C CYS A 33 -14.14 -13.00 2.42
N SER A 34 -15.18 -12.19 2.53
CA SER A 34 -16.35 -12.39 3.41
C SER A 34 -17.51 -11.45 3.03
N SER A 35 -17.56 -10.25 3.61
CA SER A 35 -18.70 -9.31 3.52
C SER A 35 -18.36 -7.92 2.92
N ARG A 36 -17.57 -7.96 1.85
CA ARG A 36 -17.27 -6.86 0.89
C ARG A 36 -16.42 -5.66 1.31
N GLY A 37 -15.15 -5.76 0.88
CA GLY A 37 -14.15 -4.67 0.99
C GLY A 37 -12.82 -5.03 0.32
N LYS A 38 -11.98 -4.03 0.09
CA LYS A 38 -10.63 -4.21 -0.49
C LYS A 38 -9.51 -3.81 0.48
N VAL A 39 -8.99 -4.81 1.20
CA VAL A 39 -7.89 -4.63 2.19
C VAL A 39 -6.60 -4.23 1.46
N VAL A 40 -6.43 -2.92 1.45
CA VAL A 40 -5.20 -2.27 0.97
C VAL A 40 -4.59 -1.50 2.13
N GLU A 41 -3.50 -2.06 2.62
CA GLU A 41 -2.64 -1.45 3.64
C GLU A 41 -1.54 -0.68 2.89
N LEU A 42 -1.47 0.62 3.18
CA LEU A 42 -0.44 1.44 2.54
C LEU A 42 0.74 1.77 3.47
N GLY A 43 1.62 0.78 3.49
CA GLY A 43 2.81 0.69 4.35
C GLY A 43 4.12 1.06 3.64
N CYS A 44 4.77 2.09 4.19
CA CYS A 44 6.10 2.54 3.70
C CYS A 44 7.15 1.49 4.08
N ALA A 45 7.67 0.86 3.03
CA ALA A 45 8.31 -0.47 3.08
C ALA A 45 9.81 -0.46 2.76
N ALA A 46 10.52 -1.44 3.31
CA ALA A 46 11.96 -1.66 3.03
C ALA A 46 12.27 -2.51 1.75
N THR A 47 11.62 -3.66 1.62
CA THR A 47 11.78 -4.58 0.48
C THR A 47 10.50 -5.41 0.35
N CYS A 48 10.18 -5.74 -0.91
CA CYS A 48 9.15 -6.75 -1.24
C CYS A 48 9.87 -8.02 -1.74
N PRO A 49 10.06 -9.01 -0.86
CA PRO A 49 10.72 -10.27 -1.24
C PRO A 49 9.81 -11.16 -2.08
N SER A 50 10.46 -12.07 -2.81
CA SER A 50 9.76 -13.14 -3.56
C SER A 50 8.98 -14.10 -2.66
N LYS A 51 9.62 -14.35 -1.51
CA LYS A 51 9.10 -15.20 -0.43
C LYS A 51 8.45 -14.29 0.63
N LYS A 52 7.20 -13.97 0.33
CA LYS A 52 6.38 -13.04 1.13
C LYS A 52 5.05 -13.71 1.56
N PRO A 53 4.35 -13.18 2.56
CA PRO A 53 2.91 -13.46 2.75
C PRO A 53 2.21 -12.98 1.46
N TYR A 54 1.75 -13.95 0.67
CA TYR A 54 1.36 -13.73 -0.74
C TYR A 54 0.16 -12.80 -0.97
N GLU A 55 0.53 -11.53 -1.07
CA GLU A 55 -0.37 -10.42 -1.36
C GLU A 55 0.17 -9.66 -2.60
N GLU A 56 -0.76 -9.01 -3.28
CA GLU A 56 -0.46 -8.20 -4.49
C GLU A 56 0.08 -6.85 -4.04
N VAL A 57 1.42 -6.85 -4.07
CA VAL A 57 2.23 -5.72 -3.62
C VAL A 57 2.90 -4.98 -4.80
N THR A 58 2.42 -3.76 -5.02
CA THR A 58 3.06 -2.81 -5.92
C THR A 58 4.02 -1.95 -5.09
N CYS A 59 5.21 -2.53 -5.07
CA CYS A 59 6.37 -2.05 -4.32
C CYS A 59 7.27 -1.21 -5.23
N CYS A 60 6.89 0.06 -5.21
CA CYS A 60 7.41 1.13 -6.07
C CYS A 60 8.42 1.98 -5.28
N SER A 61 9.15 2.83 -5.99
CA SER A 61 10.14 3.72 -5.36
C SER A 61 9.50 4.96 -4.73
N THR A 62 9.05 5.89 -5.57
CA THR A 62 8.41 7.17 -5.20
C THR A 62 7.68 7.82 -6.39
N ASP A 63 7.00 8.92 -6.09
CA ASP A 63 6.22 9.79 -7.00
C ASP A 63 4.89 9.17 -7.47
N LYS A 64 3.96 9.20 -6.52
CA LYS A 64 2.60 8.66 -6.57
C LYS A 64 2.55 7.13 -6.83
N CYS A 65 2.80 6.73 -8.08
CA CYS A 65 2.97 5.34 -8.56
C CYS A 65 1.84 4.31 -8.31
N ASN A 66 1.56 3.99 -7.05
CA ASN A 66 0.89 2.74 -6.61
C ASN A 66 -0.39 2.98 -5.76
N PRO A 67 -1.56 3.17 -6.40
CA PRO A 67 -2.80 3.48 -5.67
C PRO A 67 -3.54 2.24 -5.11
N HIS A 68 -4.22 2.48 -3.99
CA HIS A 68 -5.20 1.57 -3.34
C HIS A 68 -5.81 0.41 -4.19
N PRO A 69 -6.64 0.68 -5.22
CA PRO A 69 -7.52 -0.31 -5.86
C PRO A 69 -6.79 -1.42 -6.60
N LYS A 70 -7.58 -2.30 -7.22
CA LYS A 70 -7.06 -3.34 -8.11
C LYS A 70 -6.46 -2.72 -9.38
N GLN A 71 -5.14 -2.70 -9.38
CA GLN A 71 -4.33 -2.25 -10.55
C GLN A 71 -4.50 -3.21 -11.76
N ARG A 72 -5.67 -3.05 -12.35
CA ARG A 72 -6.18 -3.92 -13.43
C ARG A 72 -6.11 -3.26 -14.81
N PRO A 73 -5.50 -3.96 -15.78
CA PRO A 73 -5.40 -3.51 -17.19
C PRO A 73 -6.82 -3.37 -17.79
N GLY A 74 -7.01 -2.29 -18.53
CA GLY A 74 -8.31 -1.95 -19.17
C GLY A 74 -8.69 -2.95 -20.29
N LYS B 1 3.58 2.93 11.25
CA LYS B 1 2.29 3.63 11.46
C LYS B 1 1.61 4.02 10.12
N HIS B 2 0.75 3.10 9.70
CA HIS B 2 0.10 3.12 8.37
C HIS B 2 -1.33 2.58 8.47
N TRP B 3 -2.16 3.07 7.56
CA TRP B 3 -3.60 2.75 7.53
C TRP B 3 -4.03 1.84 6.38
N VAL B 4 -4.92 0.92 6.77
CA VAL B 4 -5.79 0.19 5.83
C VAL B 4 -6.93 1.07 5.31
N TYR B 5 -7.05 1.02 3.99
CA TYR B 5 -8.19 1.58 3.23
C TYR B 5 -8.83 0.47 2.38
N TYR B 6 -10.15 0.59 2.27
CA TYR B 6 -10.99 -0.43 1.61
C TYR B 6 -11.71 0.01 0.33
N ILE A 1 9.66 9.52 0.62
CA ILE A 1 9.04 9.34 -0.72
C ILE A 1 7.53 9.65 -0.79
N VAL A 2 7.16 10.43 -1.81
CA VAL A 2 5.81 11.04 -1.93
C VAL A 2 4.80 10.05 -2.53
N CYS A 3 4.24 9.23 -1.63
CA CYS A 3 3.32 8.12 -1.94
C CYS A 3 2.71 7.61 -0.63
N HIS A 4 2.86 6.33 -0.33
CA HIS A 4 2.11 5.70 0.75
C HIS A 4 2.73 5.89 2.14
N THR A 5 2.50 7.10 2.67
CA THR A 5 2.79 7.40 4.09
C THR A 5 1.51 7.15 4.93
N THR A 6 0.41 7.53 4.27
CA THR A 6 -1.00 7.14 4.54
C THR A 6 -1.57 7.41 5.95
N ALA A 7 -1.19 6.57 6.90
CA ALA A 7 -1.61 6.54 8.32
C ALA A 7 -2.59 7.63 8.80
N THR A 8 -2.07 8.83 9.10
CA THR A 8 -2.79 9.92 9.76
C THR A 8 -3.76 10.74 8.85
N SER A 9 -4.41 9.99 7.95
CA SER A 9 -5.37 10.44 6.93
C SER A 9 -6.04 9.22 6.25
N PRO A 10 -7.24 9.40 5.68
CA PRO A 10 -7.77 8.50 4.64
C PRO A 10 -6.98 8.69 3.34
N ILE A 11 -5.82 8.04 3.37
CA ILE A 11 -4.70 8.14 2.40
C ILE A 11 -4.08 9.55 2.43
N SER A 12 -2.84 9.57 2.88
CA SER A 12 -1.92 10.69 2.59
C SER A 12 -0.82 10.21 1.65
N ALA A 13 -1.04 10.56 0.38
CA ALA A 13 -0.12 10.23 -0.72
C ALA A 13 1.13 11.15 -0.74
N VAL A 14 1.76 11.21 0.41
CA VAL A 14 2.87 12.15 0.71
C VAL A 14 4.15 11.47 1.21
N THR A 15 5.08 12.29 1.67
CA THR A 15 6.44 11.93 2.11
C THR A 15 6.50 10.88 3.22
N CYS A 16 6.95 9.70 2.83
CA CYS A 16 7.33 8.62 3.76
C CYS A 16 8.56 8.97 4.60
N PRO A 17 8.60 8.52 5.88
CA PRO A 17 9.78 8.66 6.75
C PRO A 17 11.04 8.06 6.11
N PRO A 18 12.20 8.73 6.27
CA PRO A 18 13.50 8.27 5.75
C PRO A 18 13.96 6.94 6.38
N GLY A 19 13.90 5.91 5.55
CA GLY A 19 14.45 4.56 5.81
C GLY A 19 14.11 3.61 4.65
N GLU A 20 15.05 3.50 3.70
CA GLU A 20 14.92 2.81 2.38
C GLU A 20 13.47 2.60 1.88
N ASN A 21 12.80 3.74 1.88
CA ASN A 21 11.35 3.85 1.67
C ASN A 21 10.83 3.68 0.24
N LEU A 22 10.37 2.44 0.04
CA LEU A 22 9.38 2.11 -1.00
C LEU A 22 7.95 2.09 -0.47
N CYS A 23 7.11 2.47 -1.40
CA CYS A 23 5.65 2.54 -1.28
C CYS A 23 5.11 1.31 -2.01
N TYR A 24 4.32 0.53 -1.31
CA TYR A 24 3.99 -0.82 -1.79
C TYR A 24 2.50 -1.19 -1.93
N ARG A 25 1.80 -0.43 -2.80
CA ARG A 25 0.33 -0.50 -2.96
C ARG A 25 -0.12 -1.74 -3.76
N LYS A 26 -1.16 -2.35 -3.19
CA LYS A 26 -2.17 -3.21 -3.89
C LYS A 26 -3.26 -3.78 -2.96
N MET A 27 -3.90 -4.83 -3.49
CA MET A 27 -5.16 -5.45 -2.99
C MET A 27 -4.90 -6.93 -2.66
N TRP A 28 -5.46 -7.39 -1.53
CA TRP A 28 -5.38 -8.80 -1.11
C TRP A 28 -6.56 -9.20 -0.18
N CYS A 29 -6.39 -10.29 0.58
CA CYS A 29 -7.39 -10.77 1.55
C CYS A 29 -6.88 -10.73 3.00
N ASP A 30 -7.64 -10.06 3.86
CA ASP A 30 -7.55 -10.25 5.33
C ASP A 30 -8.89 -10.83 5.81
N ALA A 31 -8.99 -12.14 5.60
CA ALA A 31 -10.11 -13.02 5.99
C ALA A 31 -11.40 -12.90 5.18
N PHE A 32 -11.91 -11.67 5.08
CA PHE A 32 -13.19 -11.31 4.43
C PHE A 32 -13.36 -11.89 3.00
N CYS A 33 -13.08 -11.09 1.96
CA CYS A 33 -12.95 -11.51 0.55
C CYS A 33 -14.20 -12.11 -0.10
N SER A 34 -14.47 -13.38 0.19
CA SER A 34 -15.70 -14.10 -0.22
C SER A 34 -16.97 -13.36 0.27
N SER A 35 -16.88 -12.85 1.49
CA SER A 35 -17.76 -11.78 2.00
C SER A 35 -16.94 -10.49 2.00
N ARG A 36 -17.22 -9.66 0.99
CA ARG A 36 -16.61 -8.32 0.75
C ARG A 36 -15.09 -8.32 0.49
N GLY A 37 -14.78 -8.11 -0.80
CA GLY A 37 -13.45 -8.36 -1.36
C GLY A 37 -12.47 -7.17 -1.38
N LYS A 38 -11.25 -7.55 -1.75
CA LYS A 38 -10.08 -6.68 -1.98
C LYS A 38 -9.74 -5.67 -0.87
N VAL A 39 -9.02 -6.23 0.11
CA VAL A 39 -8.44 -5.51 1.25
C VAL A 39 -7.24 -4.70 0.70
N VAL A 40 -7.56 -3.45 0.44
CA VAL A 40 -6.59 -2.48 -0.10
C VAL A 40 -6.23 -1.36 0.87
N GLU A 41 -4.94 -1.09 0.81
CA GLU A 41 -4.25 0.09 1.36
C GLU A 41 -2.85 0.12 0.73
N LEU A 42 -1.99 0.97 1.29
CA LEU A 42 -0.58 0.63 1.62
C LEU A 42 0.24 1.76 2.25
N GLY A 43 1.36 1.32 2.82
CA GLY A 43 2.31 2.20 3.52
C GLY A 43 3.70 2.22 2.89
N CYS A 44 4.66 2.31 3.80
CA CYS A 44 6.07 2.46 3.46
C CYS A 44 6.98 1.57 4.31
N ALA A 45 7.65 0.68 3.60
CA ALA A 45 8.61 -0.28 4.19
C ALA A 45 9.99 -0.10 3.55
N ALA A 46 11.01 -0.29 4.37
CA ALA A 46 12.43 -0.24 3.96
C ALA A 46 12.90 -1.29 2.93
N THR A 47 11.96 -2.07 2.41
CA THR A 47 12.15 -3.19 1.45
C THR A 47 10.78 -3.80 1.09
N CYS A 48 10.78 -4.71 0.12
CA CYS A 48 9.58 -5.40 -0.39
C CYS A 48 9.53 -6.84 0.17
N PRO A 49 8.64 -7.09 1.15
CA PRO A 49 8.66 -8.33 1.97
C PRO A 49 8.33 -9.63 1.22
N SER A 50 9.38 -10.22 0.70
CA SER A 50 9.38 -11.57 0.10
C SER A 50 9.26 -12.65 1.20
N LYS A 51 8.70 -13.79 0.79
CA LYS A 51 8.29 -14.95 1.63
C LYS A 51 6.90 -14.84 2.27
N LYS A 52 6.28 -13.68 2.10
CA LYS A 52 4.87 -13.44 2.49
C LYS A 52 3.90 -14.24 1.56
N PRO A 53 2.71 -14.61 2.02
CA PRO A 53 1.66 -15.23 1.17
C PRO A 53 1.40 -14.35 -0.05
N TYR A 54 1.90 -14.84 -1.19
CA TYR A 54 2.00 -14.05 -2.43
C TYR A 54 0.67 -13.62 -3.08
N GLU A 55 0.26 -12.45 -2.58
CA GLU A 55 -0.96 -11.72 -2.94
C GLU A 55 -0.53 -10.34 -3.46
N GLU A 56 -1.30 -9.77 -4.41
CA GLU A 56 -0.82 -8.64 -5.21
C GLU A 56 -0.54 -7.36 -4.40
N VAL A 57 0.76 -7.08 -4.31
CA VAL A 57 1.35 -5.85 -3.77
C VAL A 57 2.52 -5.47 -4.72
N THR A 58 2.51 -4.22 -5.16
CA THR A 58 3.55 -3.67 -6.06
C THR A 58 4.28 -2.49 -5.42
N CYS A 59 5.57 -2.76 -5.23
CA CYS A 59 6.52 -1.89 -4.51
C CYS A 59 7.39 -0.99 -5.42
N CYS A 60 7.14 0.30 -5.29
CA CYS A 60 7.76 1.36 -6.11
C CYS A 60 8.35 2.48 -5.26
N SER A 61 9.44 3.06 -5.78
CA SER A 61 10.12 4.22 -5.14
C SER A 61 10.14 5.53 -5.95
N THR A 62 9.29 5.66 -6.96
CA THR A 62 9.16 6.92 -7.72
C THR A 62 7.76 7.52 -7.54
N ASP A 63 7.65 8.36 -6.51
CA ASP A 63 6.36 8.97 -6.08
C ASP A 63 5.20 7.93 -6.02
N LYS A 64 3.95 8.38 -6.04
CA LYS A 64 2.78 7.47 -6.25
C LYS A 64 2.66 6.82 -7.63
N CYS A 65 3.74 6.10 -7.94
CA CYS A 65 3.86 5.11 -9.01
C CYS A 65 2.85 3.97 -8.78
N ASN A 66 2.71 3.60 -7.50
CA ASN A 66 1.65 2.74 -6.97
C ASN A 66 0.62 3.62 -6.25
N PRO A 67 -0.48 4.04 -6.89
CA PRO A 67 -1.50 4.82 -6.14
C PRO A 67 -2.81 4.05 -5.89
N HIS A 68 -3.35 4.21 -4.68
CA HIS A 68 -4.70 3.68 -4.35
C HIS A 68 -5.76 4.60 -4.98
N PRO A 69 -6.64 4.07 -5.85
CA PRO A 69 -7.74 4.86 -6.43
C PRO A 69 -8.91 4.97 -5.44
N LYS A 70 -8.68 5.83 -4.44
CA LYS A 70 -9.58 6.18 -3.34
C LYS A 70 -11.10 6.06 -3.60
N GLN A 71 -11.66 7.06 -4.33
CA GLN A 71 -13.09 7.28 -4.65
C GLN A 71 -14.13 7.40 -3.51
N ARG A 72 -13.95 6.59 -2.47
CA ARG A 72 -14.74 6.59 -1.23
C ARG A 72 -13.83 6.96 -0.05
N PRO A 73 -14.27 7.81 0.89
CA PRO A 73 -13.48 8.19 2.07
C PRO A 73 -13.20 6.98 2.96
N GLY A 74 -11.99 6.46 2.83
CA GLY A 74 -11.50 5.26 3.54
C GLY A 74 -12.06 3.94 2.95
N LYS B 1 -1.63 4.60 13.07
CA LYS B 1 -1.28 3.38 12.31
C LYS B 1 -1.60 3.45 10.80
N HIS B 2 -0.79 2.75 10.02
CA HIS B 2 -1.06 2.53 8.57
C HIS B 2 -2.23 1.56 8.40
N TRP B 3 -3.38 2.14 8.09
CA TRP B 3 -4.68 1.45 8.12
C TRP B 3 -5.30 1.15 6.74
N VAL B 4 -6.27 0.26 6.77
CA VAL B 4 -6.99 -0.22 5.55
C VAL B 4 -8.00 0.77 4.95
N TYR B 5 -7.73 1.11 3.70
CA TYR B 5 -8.59 1.98 2.89
C TYR B 5 -9.45 1.12 1.96
N TYR B 6 -10.25 0.31 2.65
CA TYR B 6 -11.07 -0.75 2.07
C TYR B 6 -12.55 -0.61 2.50
N ILE A 1 10.38 11.16 1.19
CA ILE A 1 9.80 10.69 -0.09
C ILE A 1 8.27 10.76 -0.15
N VAL A 2 7.86 11.49 -1.17
CA VAL A 2 6.45 11.87 -1.44
C VAL A 2 5.72 10.76 -2.22
N CYS A 3 5.35 9.74 -1.45
CA CYS A 3 4.77 8.50 -1.94
C CYS A 3 3.76 8.06 -0.89
N HIS A 4 3.21 6.87 -1.08
CA HIS A 4 2.09 6.40 -0.25
C HIS A 4 2.45 6.04 1.20
N THR A 5 2.24 7.14 1.95
CA THR A 5 2.42 7.28 3.40
C THR A 5 1.29 6.54 4.11
N THR A 6 0.10 6.97 3.66
CA THR A 6 -1.27 6.50 4.03
C THR A 6 -1.61 6.51 5.53
N ALA A 7 -0.78 7.20 6.31
CA ALA A 7 -0.93 7.37 7.78
C ALA A 7 -2.06 8.32 8.21
N THR A 8 -2.98 8.55 7.26
CA THR A 8 -3.98 9.64 7.23
C THR A 8 -4.99 9.43 6.09
N SER A 9 -5.64 10.52 5.70
CA SER A 9 -6.69 10.60 4.65
C SER A 9 -6.43 9.79 3.38
N PRO A 10 -7.49 9.18 2.79
CA PRO A 10 -7.48 8.47 1.49
C PRO A 10 -6.34 8.71 0.51
N ILE A 11 -5.34 7.86 0.73
CA ILE A 11 -4.11 7.63 -0.05
C ILE A 11 -3.23 8.88 -0.08
N SER A 12 -2.75 9.18 1.12
CA SER A 12 -2.00 10.41 1.43
C SER A 12 -0.52 10.25 1.16
N ALA A 13 -0.17 10.72 -0.04
CA ALA A 13 1.23 10.90 -0.45
C ALA A 13 1.83 12.13 0.27
N VAL A 14 2.58 11.85 1.33
CA VAL A 14 3.12 12.90 2.21
C VAL A 14 4.65 12.83 2.22
N THR A 15 5.18 11.99 3.09
CA THR A 15 6.62 11.74 3.26
C THR A 15 6.76 10.42 4.01
N CYS A 16 7.76 9.65 3.60
CA CYS A 16 8.04 8.34 4.19
C CYS A 16 9.42 8.20 4.87
N PRO A 17 9.55 8.61 6.15
CA PRO A 17 10.75 8.31 6.95
C PRO A 17 11.22 6.84 6.98
N PRO A 18 10.37 5.81 7.20
CA PRO A 18 10.85 4.42 7.25
C PRO A 18 11.25 3.91 5.85
N GLY A 19 12.56 3.81 5.68
CA GLY A 19 13.20 3.23 4.47
C GLY A 19 13.31 4.17 3.25
N GLU A 20 12.26 4.98 3.07
CA GLU A 20 12.11 6.07 2.05
C GLU A 20 11.71 5.53 0.67
N ASN A 21 12.56 4.66 0.15
CA ASN A 21 12.49 4.12 -1.22
C ASN A 21 11.17 3.38 -1.55
N LEU A 22 10.73 2.58 -0.59
CA LEU A 22 9.77 1.49 -0.84
C LEU A 22 8.40 1.75 -0.24
N CYS A 23 7.59 2.30 -1.13
CA CYS A 23 6.16 2.57 -0.91
C CYS A 23 5.38 1.44 -1.58
N TYR A 24 4.78 0.68 -0.70
CA TYR A 24 4.08 -0.57 -1.01
C TYR A 24 2.55 -0.47 -0.90
N ARG A 25 1.99 -0.90 -2.01
CA ARG A 25 0.62 -1.42 -2.08
C ARG A 25 0.67 -2.96 -2.01
N LYS A 26 0.44 -3.47 -0.81
CA LYS A 26 0.25 -4.92 -0.60
C LYS A 26 -1.24 -5.15 -0.29
N MET A 27 -1.93 -5.64 -1.30
CA MET A 27 -3.40 -5.72 -1.38
C MET A 27 -3.91 -7.10 -1.86
N TRP A 28 -4.76 -7.72 -1.05
CA TRP A 28 -5.34 -9.06 -1.37
C TRP A 28 -6.85 -9.26 -1.07
N CYS A 29 -7.24 -10.27 -0.31
CA CYS A 29 -8.65 -10.52 0.09
C CYS A 29 -9.10 -9.87 1.40
N ASP A 30 -10.23 -9.15 1.33
CA ASP A 30 -10.90 -8.41 2.43
C ASP A 30 -10.21 -8.34 3.81
N ALA A 31 -10.30 -9.42 4.61
CA ALA A 31 -9.60 -9.47 5.90
C ALA A 31 -8.63 -10.67 6.00
N PHE A 32 -7.74 -10.76 5.01
CA PHE A 32 -6.84 -11.91 4.66
C PHE A 32 -7.53 -13.26 4.41
N CYS A 33 -8.70 -13.41 5.02
CA CYS A 33 -9.82 -14.30 4.67
C CYS A 33 -9.75 -15.76 5.18
N SER A 34 -8.59 -16.07 5.78
CA SER A 34 -8.38 -17.28 6.60
C SER A 34 -8.95 -17.10 8.02
N SER A 35 -8.61 -15.99 8.64
CA SER A 35 -9.38 -15.46 9.80
C SER A 35 -9.85 -14.02 9.47
N ARG A 36 -9.37 -13.02 10.22
CA ARG A 36 -9.78 -11.62 10.08
C ARG A 36 -8.57 -10.72 10.40
N GLY A 37 -8.15 -10.05 9.33
CA GLY A 37 -7.12 -9.00 9.37
C GLY A 37 -7.26 -7.97 8.23
N LYS A 38 -6.16 -7.79 7.49
CA LYS A 38 -6.06 -6.83 6.39
C LYS A 38 -5.95 -7.44 4.99
N VAL A 39 -6.67 -6.80 4.08
CA VAL A 39 -6.25 -6.64 2.66
C VAL A 39 -5.17 -5.58 2.43
N VAL A 40 -5.48 -4.32 2.70
CA VAL A 40 -4.62 -3.20 2.29
C VAL A 40 -3.54 -2.85 3.37
N GLU A 41 -2.34 -3.34 3.05
CA GLU A 41 -1.08 -3.00 3.71
C GLU A 41 -0.41 -1.96 2.80
N LEU A 42 -0.98 -0.76 2.89
CA LEU A 42 -0.48 0.44 2.19
C LEU A 42 0.42 1.24 3.13
N GLY A 43 1.55 1.68 2.56
CA GLY A 43 2.48 2.58 3.25
C GLY A 43 3.93 2.37 2.78
N CYS A 44 4.84 2.67 3.69
CA CYS A 44 6.29 2.78 3.36
C CYS A 44 7.22 2.01 4.30
N ALA A 45 8.22 1.37 3.68
CA ALA A 45 9.35 0.69 4.34
C ALA A 45 10.61 0.70 3.44
N ALA A 46 11.63 -0.07 3.86
CA ALA A 46 12.85 -0.30 3.07
C ALA A 46 12.81 -1.45 2.05
N THR A 47 12.02 -2.49 2.36
CA THR A 47 12.06 -3.77 1.60
C THR A 47 10.67 -4.25 1.18
N CYS A 48 10.61 -4.79 -0.04
CA CYS A 48 9.37 -5.34 -0.61
C CYS A 48 9.03 -6.80 -0.21
N PRO A 49 10.01 -7.69 0.07
CA PRO A 49 9.70 -8.96 0.74
C PRO A 49 9.14 -8.82 2.16
N SER A 50 7.81 -8.69 2.14
CA SER A 50 6.82 -8.89 3.22
C SER A 50 5.44 -8.99 2.55
N LYS A 51 4.62 -9.93 3.06
CA LYS A 51 3.32 -10.32 2.45
C LYS A 51 3.32 -10.68 0.95
N LYS A 52 4.49 -11.14 0.53
CA LYS A 52 4.81 -11.54 -0.87
C LYS A 52 3.96 -12.63 -1.58
N PRO A 53 3.24 -13.54 -0.87
CA PRO A 53 2.27 -14.43 -1.54
C PRO A 53 0.88 -13.81 -1.79
N TYR A 54 0.56 -12.75 -1.06
CA TYR A 54 -0.81 -12.22 -1.01
C TYR A 54 -1.21 -11.23 -2.09
N GLU A 55 -1.58 -11.86 -3.20
CA GLU A 55 -2.18 -11.27 -4.43
C GLU A 55 -1.36 -10.12 -5.05
N GLU A 56 -1.78 -8.88 -4.83
CA GLU A 56 -1.17 -7.69 -5.46
C GLU A 56 -0.11 -7.10 -4.52
N VAL A 57 1.05 -7.72 -4.60
CA VAL A 57 2.26 -7.26 -3.89
C VAL A 57 3.07 -6.35 -4.84
N THR A 58 2.49 -5.17 -4.94
CA THR A 58 2.82 -4.08 -5.88
C THR A 58 3.46 -2.87 -5.19
N CYS A 59 4.78 -2.97 -5.16
CA CYS A 59 5.69 -2.08 -4.43
C CYS A 59 6.54 -1.21 -5.37
N CYS A 60 6.38 0.11 -5.19
CA CYS A 60 6.89 1.14 -6.11
C CYS A 60 7.95 2.06 -5.49
N SER A 61 8.69 2.67 -6.42
CA SER A 61 9.90 3.46 -6.18
C SER A 61 9.71 4.97 -6.15
N THR A 62 9.72 5.48 -4.93
CA THR A 62 9.88 6.93 -4.56
C THR A 62 8.65 7.79 -4.85
N ASP A 63 8.41 8.02 -6.13
CA ASP A 63 7.27 8.80 -6.63
C ASP A 63 5.91 8.25 -6.18
N LYS A 64 5.00 9.18 -5.89
CA LYS A 64 3.56 8.97 -5.63
C LYS A 64 2.85 8.10 -6.69
N CYS A 65 3.02 6.79 -6.45
CA CYS A 65 2.70 5.72 -7.42
C CYS A 65 1.58 4.81 -6.92
N ASN A 66 1.99 3.77 -6.19
CA ASN A 66 1.25 2.56 -5.76
C ASN A 66 -0.11 2.81 -5.09
N PRO A 67 -1.18 2.98 -5.88
CA PRO A 67 -2.42 3.64 -5.44
C PRO A 67 -3.38 2.88 -4.51
N HIS A 68 -3.42 1.56 -4.69
CA HIS A 68 -4.41 0.61 -4.15
C HIS A 68 -5.68 0.45 -5.00
N PRO A 69 -6.59 1.45 -5.13
CA PRO A 69 -7.64 1.46 -6.17
C PRO A 69 -7.14 1.14 -7.58
N LYS A 70 -7.34 -0.13 -7.90
CA LYS A 70 -6.99 -0.74 -9.19
C LYS A 70 -7.96 -0.38 -10.32
N GLN A 71 -7.33 -0.01 -11.43
CA GLN A 71 -7.99 0.27 -12.72
C GLN A 71 -8.56 -0.99 -13.40
N ARG A 72 -9.53 -0.75 -14.28
CA ARG A 72 -10.05 -1.81 -15.18
C ARG A 72 -8.93 -2.50 -16.01
N PRO A 73 -7.95 -1.78 -16.55
CA PRO A 73 -6.68 -2.40 -16.99
C PRO A 73 -5.68 -2.49 -15.81
N GLY A 74 -5.90 -3.47 -14.96
CA GLY A 74 -4.99 -3.80 -13.83
C GLY A 74 -5.24 -2.96 -12.56
N LYS B 1 1.36 -0.94 5.92
CA LYS B 1 0.85 -0.98 7.31
C LYS B 1 -0.27 0.00 7.66
N HIS B 2 -0.16 1.20 7.09
CA HIS B 2 -0.98 2.36 7.43
C HIS B 2 -2.31 2.35 6.67
N TRP B 3 -3.34 2.36 7.52
CA TRP B 3 -4.78 2.43 7.16
C TRP B 3 -5.27 1.40 6.14
N VAL B 4 -5.92 0.36 6.65
CA VAL B 4 -6.50 -0.69 5.77
C VAL B 4 -7.82 -0.25 5.10
N TYR B 5 -7.64 0.53 4.03
CA TYR B 5 -8.75 1.13 3.26
C TYR B 5 -9.52 0.13 2.42
N TYR B 6 -10.60 -0.39 3.01
CA TYR B 6 -11.60 -1.20 2.29
C TYR B 6 -13.02 -1.12 2.90
N ILE A 1 9.09 6.70 0.86
CA ILE A 1 9.20 8.15 0.47
C ILE A 1 7.84 8.89 0.47
N VAL A 2 7.70 9.96 -0.31
CA VAL A 2 6.46 10.78 -0.42
C VAL A 2 5.40 9.96 -1.21
N CYS A 3 4.66 9.09 -0.52
CA CYS A 3 3.79 8.12 -1.18
C CYS A 3 2.81 7.45 -0.22
N HIS A 4 1.74 6.96 -0.83
CA HIS A 4 0.51 6.43 -0.20
C HIS A 4 0.61 6.03 1.26
N THR A 5 0.34 7.04 2.08
CA THR A 5 0.58 6.97 3.54
C THR A 5 -0.71 6.58 4.28
N THR A 6 -1.77 7.25 3.86
CA THR A 6 -3.15 7.29 4.43
C THR A 6 -3.28 7.13 5.96
N ALA A 7 -2.23 7.48 6.70
CA ALA A 7 -2.25 7.59 8.18
C ALA A 7 -3.33 8.57 8.71
N THR A 8 -3.67 9.53 7.86
CA THR A 8 -4.79 10.48 8.02
C THR A 8 -6.04 9.90 7.33
N SER A 9 -7.18 10.21 7.92
CA SER A 9 -8.50 9.71 7.46
C SER A 9 -8.93 10.11 6.04
N PRO A 10 -8.45 11.23 5.49
CA PRO A 10 -8.35 11.35 4.03
C PRO A 10 -6.97 10.96 3.50
N ILE A 11 -7.02 9.98 2.59
CA ILE A 11 -5.94 9.63 1.64
C ILE A 11 -4.97 10.79 1.40
N SER A 12 -3.81 10.56 2.00
CA SER A 12 -2.62 11.41 1.86
C SER A 12 -1.44 10.55 1.39
N ALA A 13 -0.52 11.20 0.71
CA ALA A 13 0.70 10.56 0.19
C ALA A 13 1.93 11.37 0.59
N VAL A 14 2.39 11.11 1.81
CA VAL A 14 3.51 11.87 2.41
C VAL A 14 4.73 10.99 2.75
N THR A 15 5.70 11.62 3.41
CA THR A 15 7.04 11.05 3.69
C THR A 15 7.08 9.88 4.68
N CYS A 16 7.07 8.69 4.10
CA CYS A 16 7.53 7.44 4.72
C CYS A 16 9.08 7.40 4.59
N PRO A 17 9.80 6.78 5.54
CA PRO A 17 11.26 6.57 5.41
C PRO A 17 11.65 5.82 4.11
N PRO A 18 12.67 6.30 3.40
CA PRO A 18 13.29 5.57 2.27
C PRO A 18 14.00 4.27 2.70
N GLY A 19 14.18 3.42 1.70
CA GLY A 19 14.74 2.07 1.78
C GLY A 19 14.22 1.25 0.59
N GLU A 20 14.63 -0.01 0.53
CA GLU A 20 14.29 -0.89 -0.63
C GLU A 20 12.85 -1.44 -0.72
N ASN A 21 11.95 -0.97 0.14
CA ASN A 21 10.48 -1.12 0.00
C ASN A 21 9.74 0.23 -0.01
N LEU A 22 10.48 1.28 -0.33
CA LEU A 22 9.93 2.51 -0.98
C LEU A 22 8.45 2.78 -0.80
N CYS A 23 7.67 2.60 -1.87
CA CYS A 23 6.25 2.84 -1.85
C CYS A 23 5.40 1.57 -1.99
N TYR A 24 5.11 1.05 -0.80
CA TYR A 24 3.96 0.18 -0.53
C TYR A 24 2.80 0.10 -1.52
N ARG A 25 2.41 -1.10 -1.96
CA ARG A 25 2.77 -2.50 -1.57
C ARG A 25 1.90 -3.39 -2.47
N LYS A 26 0.61 -3.07 -2.43
CA LYS A 26 -0.52 -3.53 -3.31
C LYS A 26 -1.65 -4.25 -2.56
N MET A 27 -2.46 -4.91 -3.37
CA MET A 27 -3.87 -5.27 -3.11
C MET A 27 -4.14 -6.74 -2.71
N TRP A 28 -5.22 -6.89 -1.95
CA TRP A 28 -5.84 -8.21 -1.69
C TRP A 28 -7.32 -8.10 -1.32
N CYS A 29 -8.01 -9.23 -1.48
CA CYS A 29 -9.46 -9.34 -1.22
C CYS A 29 -9.80 -9.54 0.26
N ASP A 30 -10.80 -8.79 0.70
CA ASP A 30 -11.50 -9.00 1.99
C ASP A 30 -12.52 -10.18 1.90
N ALA A 31 -12.11 -11.26 1.20
CA ALA A 31 -12.92 -12.40 0.76
C ALA A 31 -14.10 -12.07 -0.18
N PHE A 32 -14.88 -11.07 0.22
CA PHE A 32 -16.07 -10.54 -0.49
C PHE A 32 -15.69 -10.04 -1.91
N CYS A 33 -14.82 -9.04 -1.90
CA CYS A 33 -14.07 -8.46 -3.04
C CYS A 33 -14.84 -7.63 -4.07
N SER A 34 -16.12 -7.95 -4.24
CA SER A 34 -17.04 -7.21 -5.13
C SER A 34 -17.65 -6.00 -4.42
N SER A 35 -17.19 -4.84 -4.89
CA SER A 35 -17.46 -3.47 -4.36
C SER A 35 -16.79 -3.17 -3.01
N ARG A 36 -16.97 -4.08 -2.06
CA ARG A 36 -16.29 -4.07 -0.75
C ARG A 36 -15.10 -5.02 -0.88
N GLY A 37 -14.02 -4.43 -1.42
CA GLY A 37 -12.89 -5.20 -1.97
C GLY A 37 -11.49 -4.98 -1.39
N LYS A 38 -10.71 -4.35 -2.25
CA LYS A 38 -9.24 -4.22 -2.15
C LYS A 38 -8.74 -3.51 -0.89
N VAL A 39 -8.29 -4.38 0.01
CA VAL A 39 -7.77 -4.04 1.35
C VAL A 39 -6.41 -3.37 1.13
N VAL A 40 -6.22 -2.27 1.85
CA VAL A 40 -5.37 -1.19 1.35
C VAL A 40 -3.87 -1.33 1.59
N GLU A 41 -3.29 -1.79 0.48
CA GLU A 41 -2.12 -1.20 -0.21
C GLU A 41 -0.80 -1.05 0.56
N LEU A 42 -0.81 -1.01 1.89
CA LEU A 42 0.31 -0.41 2.62
C LEU A 42 1.15 -1.26 3.61
N GLY A 43 2.44 -1.18 3.30
CA GLY A 43 3.61 -1.74 4.02
C GLY A 43 4.87 -1.20 3.32
N CYS A 44 5.63 -0.41 4.06
CA CYS A 44 6.62 0.53 3.48
C CYS A 44 8.09 0.14 3.73
N ALA A 45 8.95 0.94 3.13
CA ALA A 45 10.36 1.22 3.51
C ALA A 45 11.47 0.16 3.37
N ALA A 46 11.23 -1.00 3.98
CA ALA A 46 12.27 -2.03 4.17
C ALA A 46 12.06 -3.31 3.35
N THR A 47 12.64 -3.23 2.15
CA THR A 47 12.75 -4.34 1.14
C THR A 47 11.48 -5.11 0.80
N CYS A 48 11.06 -4.92 -0.45
CA CYS A 48 9.81 -5.50 -1.02
C CYS A 48 9.54 -7.01 -0.79
N PRO A 49 10.55 -7.92 -0.75
CA PRO A 49 10.26 -9.33 -0.47
C PRO A 49 10.33 -9.88 0.96
N SER A 50 10.66 -9.02 1.93
CA SER A 50 10.78 -9.45 3.34
C SER A 50 9.46 -9.28 4.10
N LYS A 51 8.64 -10.34 3.97
CA LYS A 51 7.25 -10.48 4.50
C LYS A 51 6.16 -9.65 3.79
N LYS A 52 6.63 -8.59 3.17
CA LYS A 52 5.88 -7.70 2.26
C LYS A 52 5.22 -8.30 0.99
N PRO A 53 5.51 -9.53 0.51
CA PRO A 53 4.65 -10.22 -0.47
C PRO A 53 3.33 -10.72 0.15
N TYR A 54 2.65 -9.80 0.82
CA TYR A 54 1.39 -10.02 1.53
C TYR A 54 0.20 -9.90 0.57
N GLU A 55 0.06 -11.00 -0.15
CA GLU A 55 -0.93 -11.25 -1.23
C GLU A 55 -0.43 -10.55 -2.52
N GLU A 56 -1.28 -9.83 -3.25
CA GLU A 56 -0.91 -9.37 -4.60
C GLU A 56 -0.10 -8.07 -4.55
N VAL A 57 1.20 -8.26 -4.71
CA VAL A 57 2.20 -7.18 -4.46
C VAL A 57 2.90 -6.60 -5.71
N THR A 58 3.06 -5.29 -5.60
CA THR A 58 3.91 -4.42 -6.43
C THR A 58 4.27 -3.21 -5.57
N CYS A 59 5.58 -2.91 -5.61
CA CYS A 59 6.16 -1.80 -4.85
C CYS A 59 6.79 -0.81 -5.85
N CYS A 60 6.61 0.47 -5.57
CA CYS A 60 7.03 1.53 -6.51
C CYS A 60 8.16 2.38 -5.93
N SER A 61 9.12 2.63 -6.81
CA SER A 61 10.32 3.45 -6.53
C SER A 61 10.03 4.93 -6.27
N THR A 62 9.08 5.45 -7.04
CA THR A 62 8.74 6.89 -7.08
C THR A 62 7.53 7.28 -6.23
N ASP A 63 7.54 8.57 -5.89
CA ASP A 63 6.46 9.25 -5.14
C ASP A 63 5.05 9.05 -5.73
N LYS A 64 4.11 8.89 -4.81
CA LYS A 64 2.63 8.72 -5.00
C LYS A 64 2.18 7.61 -5.99
N CYS A 65 3.14 6.80 -6.46
CA CYS A 65 2.98 5.77 -7.49
C CYS A 65 2.28 4.46 -7.06
N ASN A 66 1.77 4.44 -5.84
CA ASN A 66 1.27 3.23 -5.17
C ASN A 66 -0.24 3.30 -4.81
N PRO A 67 -1.13 3.56 -5.78
CA PRO A 67 -2.53 3.95 -5.54
C PRO A 67 -3.40 2.74 -5.15
N HIS A 68 -4.05 2.87 -3.98
CA HIS A 68 -5.07 1.90 -3.53
C HIS A 68 -6.10 1.54 -4.64
N PRO A 69 -6.80 2.53 -5.25
CA PRO A 69 -7.42 2.33 -6.59
C PRO A 69 -6.34 2.20 -7.67
N LYS A 70 -5.88 0.95 -7.75
CA LYS A 70 -4.87 0.38 -8.65
C LYS A 70 -4.14 1.35 -9.60
N GLN A 71 -4.78 1.72 -10.72
CA GLN A 71 -4.18 2.54 -11.82
C GLN A 71 -2.96 1.91 -12.52
N ARG A 72 -2.01 1.55 -11.68
CA ARG A 72 -0.88 0.66 -11.98
C ARG A 72 -1.37 -0.74 -11.55
N PRO A 73 -1.58 -1.66 -12.51
CA PRO A 73 -2.30 -2.93 -12.28
C PRO A 73 -1.60 -3.93 -11.35
N GLY A 74 -1.86 -3.73 -10.06
CA GLY A 74 -1.41 -4.59 -8.94
C GLY A 74 -2.32 -4.48 -7.71
N LYS B 1 -2.13 5.92 12.02
CA LYS B 1 -2.22 4.49 11.68
C LYS B 1 -2.95 4.19 10.33
N HIS B 2 -2.10 3.98 9.32
CA HIS B 2 -2.45 3.72 7.90
C HIS B 2 -3.76 2.94 7.72
N TRP B 3 -4.76 3.69 7.30
CA TRP B 3 -6.15 3.18 7.18
C TRP B 3 -6.34 2.25 5.99
N VAL B 4 -6.49 0.96 6.33
CA VAL B 4 -6.74 -0.12 5.36
C VAL B 4 -8.16 -0.15 4.72
N TYR B 5 -8.65 1.05 4.45
CA TYR B 5 -10.06 1.34 4.12
C TYR B 5 -10.41 1.35 2.62
N TYR B 6 -10.78 0.18 2.14
CA TYR B 6 -11.44 0.01 0.83
C TYR B 6 -12.76 0.80 0.68
#